data_5SXO
#
_entry.id   5SXO
#
_cell.length_a   73.750
_cell.length_b   73.750
_cell.length_c   170.270
_cell.angle_alpha   90.00
_cell.angle_beta   90.00
_cell.angle_gamma   90.00
#
_symmetry.space_group_name_H-M   'P 43 21 2'
#
loop_
_entity.id
_entity.type
_entity.pdbx_description
1 polymer '3-oxoacyl-[acyl-carrier-protein] synthase 2'
2 water water
#
_entity_poly.entity_id   1
_entity_poly.type   'polypeptide(L)'
_entity_poly.pdbx_seq_one_letter_code
;MDKRRVVVTGIGAVTPIGNDAETSWENAKKGVNGVAKMTRLNPDDFPVKIAAELKDFDVEKYLEKKEARKMDRFTHYAIA
SAEMAVQDSGLVIDDSNANRVGVWIGSGIGGMETFETQYEIFLNRGHRRVSPFFVPMMIPDMGSGQVSIRFGAKGINSTT
VTACATATNSIGDAFKVIERGDADAMITGGAEAPITKMSLAGFTANKALSLNPDPETACRPFDKDRDGFIIGEGAGIVIL
EEYEHAKARGAKIYAEIVGYGATGDAYHITAPAPNGEGAARAMKMAIDDAGLTPDKVDYINAHGTSTPYNDEYETQAIKT
VFGDHAKKLAISSTKSMTGHTLGASGGIEAIFALLTIRDNIIAPTIHLKNQDEVCDLDYVPNEAREANVNVVISNSFGFG
GHNATLVFKRIED
;
_entity_poly.pdbx_strand_id   A
#
# COMPACT_ATOMS: atom_id res chain seq x y z
N LYS A 3 26.78 5.72 3.11
CA LYS A 3 25.42 5.36 2.73
C LYS A 3 25.25 5.42 1.22
N ARG A 4 24.58 4.41 0.67
CA ARG A 4 24.31 4.37 -0.75
C ARG A 4 23.00 5.08 -1.06
N ARG A 5 22.95 5.71 -2.22
CA ARG A 5 21.70 6.26 -2.73
C ARG A 5 20.89 5.16 -3.41
N VAL A 6 19.57 5.32 -3.37
CA VAL A 6 18.64 4.27 -3.76
C VAL A 6 17.54 4.90 -4.61
N VAL A 7 17.25 4.30 -5.76
CA VAL A 7 16.26 4.82 -6.69
C VAL A 7 15.23 3.73 -6.97
N VAL A 8 14.09 4.16 -7.53
CA VAL A 8 13.03 3.25 -7.95
C VAL A 8 13.14 3.06 -9.45
N THR A 9 13.31 1.81 -9.88
CA THR A 9 13.48 1.50 -11.29
C THR A 9 12.37 0.65 -11.87
N GLY A 10 11.38 0.26 -11.09
CA GLY A 10 10.26 -0.51 -11.60
C GLY A 10 9.06 -0.39 -10.69
N ILE A 11 7.87 -0.46 -11.30
CA ILE A 11 6.61 -0.42 -10.57
C ILE A 11 5.71 -1.53 -11.11
N GLY A 12 4.86 -2.05 -10.25
CA GLY A 12 3.87 -3.04 -10.64
C GLY A 12 2.75 -3.10 -9.62
N ALA A 13 1.51 -3.22 -10.07
CA ALA A 13 0.39 -3.17 -9.14
C ALA A 13 -0.85 -3.79 -9.77
N VAL A 14 -1.68 -4.36 -8.91
CA VAL A 14 -3.06 -4.68 -9.23
C VAL A 14 -3.94 -4.00 -8.18
N THR A 15 -4.91 -3.22 -8.65
CA THR A 15 -5.72 -2.42 -7.74
C THR A 15 -7.18 -2.43 -8.17
N PRO A 16 -8.10 -1.98 -7.31
CA PRO A 16 -9.51 -1.92 -7.71
C PRO A 16 -9.79 -0.97 -8.87
N ILE A 17 -8.83 -0.17 -9.31
CA ILE A 17 -9.01 0.70 -10.47
C ILE A 17 -8.01 0.39 -11.59
N GLY A 18 -7.49 -0.84 -11.62
CA GLY A 18 -6.66 -1.26 -12.73
C GLY A 18 -5.79 -2.46 -12.42
N ASN A 19 -5.68 -3.39 -13.37
CA ASN A 19 -4.86 -4.58 -13.20
C ASN A 19 -3.41 -4.36 -13.62
N ASP A 20 -3.01 -3.11 -13.80
CA ASP A 20 -1.60 -2.74 -13.90
C ASP A 20 -1.45 -1.34 -13.34
N ALA A 21 -0.20 -0.96 -13.07
CA ALA A 21 0.08 0.30 -12.40
C ALA A 21 -0.32 1.50 -13.24
N GLU A 22 -0.01 1.48 -14.55
CA GLU A 22 -0.31 2.64 -15.38
C GLU A 22 -1.81 2.83 -15.56
N THR A 23 -2.56 1.74 -15.78
CA THR A 23 -4.01 1.87 -15.84
C THR A 23 -4.57 2.42 -14.53
N SER A 24 -4.07 1.89 -13.41
CA SER A 24 -4.52 2.38 -12.11
C SER A 24 -4.28 3.88 -11.96
N TRP A 25 -3.09 4.34 -12.37
CA TRP A 25 -2.75 5.74 -12.21
C TRP A 25 -3.54 6.63 -13.15
N GLU A 26 -3.74 6.19 -14.40
CA GLU A 26 -4.59 6.94 -15.31
C GLU A 26 -5.99 7.08 -14.76
N ASN A 27 -6.52 6.01 -14.18
CA ASN A 27 -7.87 6.07 -13.60
C ASN A 27 -7.88 6.92 -12.33
N ALA A 28 -6.81 6.87 -11.53
CA ALA A 28 -6.74 7.73 -10.35
C ALA A 28 -6.77 9.20 -10.76
N LYS A 29 -6.03 9.57 -11.80
CA LYS A 29 -6.02 10.96 -12.24
C LYS A 29 -7.40 11.38 -12.75
N LYS A 30 -8.20 10.43 -13.24
CA LYS A 30 -9.55 10.71 -13.72
C LYS A 30 -10.59 10.64 -12.62
N GLY A 31 -10.20 10.33 -11.39
CA GLY A 31 -11.15 10.26 -10.29
C GLY A 31 -12.05 9.04 -10.34
N VAL A 32 -11.58 7.95 -10.94
CA VAL A 32 -12.40 6.75 -11.08
C VAL A 32 -12.60 6.11 -9.70
N ASN A 33 -13.84 5.73 -9.41
CA ASN A 33 -14.20 5.12 -8.15
C ASN A 33 -14.10 3.60 -8.28
N GLY A 34 -13.26 2.98 -7.46
CA GLY A 34 -13.13 1.54 -7.45
C GLY A 34 -14.05 0.81 -6.49
N VAL A 35 -14.80 1.55 -5.66
CA VAL A 35 -15.75 0.95 -4.74
C VAL A 35 -17.05 0.67 -5.46
N ALA A 36 -17.61 -0.52 -5.23
CA ALA A 36 -18.85 -0.92 -5.87
C ALA A 36 -19.52 -1.97 -5.00
N LYS A 37 -20.73 -2.38 -5.40
CA LYS A 37 -21.41 -3.47 -4.73
C LYS A 37 -20.50 -4.70 -4.68
N MET A 38 -20.44 -5.33 -3.52
CA MET A 38 -19.55 -6.46 -3.32
C MET A 38 -20.02 -7.67 -4.11
N THR A 39 -19.06 -8.37 -4.74
CA THR A 39 -19.32 -9.60 -5.46
C THR A 39 -18.49 -10.78 -4.97
N ARG A 40 -17.35 -10.53 -4.32
CA ARG A 40 -16.53 -11.61 -3.79
C ARG A 40 -17.31 -12.43 -2.77
N LEU A 41 -18.14 -11.76 -1.98
CA LEU A 41 -19.05 -12.38 -1.05
C LEU A 41 -20.45 -11.90 -1.36
N ASN A 42 -21.44 -12.62 -0.86
CA ASN A 42 -22.84 -12.25 -1.11
C ASN A 42 -23.22 -11.09 -0.20
N PRO A 43 -23.47 -9.89 -0.74
CA PRO A 43 -23.78 -8.76 0.14
C PRO A 43 -25.06 -8.95 0.95
N ASP A 44 -25.98 -9.80 0.50
CA ASP A 44 -27.19 -10.06 1.26
C ASP A 44 -26.92 -10.76 2.59
N ASP A 45 -25.70 -11.22 2.82
CA ASP A 45 -25.36 -11.99 4.01
C ASP A 45 -24.47 -11.23 4.98
N PHE A 46 -24.24 -9.94 4.76
CA PHE A 46 -23.37 -9.16 5.63
C PHE A 46 -23.94 -7.77 5.80
N PRO A 47 -23.64 -7.10 6.92
CA PRO A 47 -24.08 -5.71 7.09
C PRO A 47 -23.32 -4.72 6.21
N VAL A 48 -22.14 -5.09 5.71
CA VAL A 48 -21.39 -4.28 4.76
C VAL A 48 -21.66 -4.84 3.37
N LYS A 49 -22.03 -3.96 2.44
CA LYS A 49 -22.52 -4.36 1.14
C LYS A 49 -21.60 -3.97 0.00
N ILE A 50 -20.52 -3.24 0.27
CA ILE A 50 -19.66 -2.69 -0.76
C ILE A 50 -18.20 -2.98 -0.43
N ALA A 51 -17.37 -2.95 -1.46
CA ALA A 51 -15.94 -3.18 -1.32
C ALA A 51 -15.26 -2.70 -2.58
N ALA A 52 -13.94 -2.58 -2.51
CA ALA A 52 -13.10 -2.21 -3.65
C ALA A 52 -12.36 -3.47 -4.10
N GLU A 53 -12.90 -4.14 -5.10
CA GLU A 53 -12.38 -5.40 -5.59
C GLU A 53 -11.58 -5.18 -6.87
N LEU A 54 -10.63 -6.08 -7.13
CA LEU A 54 -10.06 -6.13 -8.46
C LEU A 54 -11.17 -6.45 -9.46
N LYS A 55 -11.08 -5.85 -10.64
CA LYS A 55 -12.07 -6.02 -11.70
C LYS A 55 -11.44 -6.88 -12.79
N ASP A 56 -11.96 -8.10 -12.95
CA ASP A 56 -11.56 -8.97 -14.06
C ASP A 56 -10.08 -9.35 -13.98
N PHE A 57 -9.57 -9.56 -12.77
CA PHE A 57 -8.20 -10.03 -12.62
C PHE A 57 -8.13 -11.52 -12.92
N ASP A 58 -7.18 -11.90 -13.76
CA ASP A 58 -7.03 -13.29 -14.22
C ASP A 58 -5.64 -13.77 -13.84
N VAL A 59 -5.56 -14.60 -12.79
CA VAL A 59 -4.28 -15.11 -12.34
C VAL A 59 -3.60 -15.97 -13.41
N GLU A 60 -4.36 -16.52 -14.34
CA GLU A 60 -3.78 -17.41 -15.35
C GLU A 60 -2.85 -16.68 -16.31
N LYS A 61 -2.85 -15.35 -16.31
CA LYS A 61 -1.85 -14.61 -17.08
C LYS A 61 -0.45 -14.69 -16.47
N TYR A 62 -0.33 -15.19 -15.23
CA TYR A 62 0.94 -15.26 -14.53
C TYR A 62 1.30 -16.65 -14.05
N LEU A 63 0.31 -17.52 -13.83
CA LEU A 63 0.55 -18.83 -13.25
C LEU A 63 -0.30 -19.86 -13.98
N GLU A 64 0.23 -21.07 -14.08
CA GLU A 64 -0.58 -22.18 -14.51
C GLU A 64 -1.61 -22.51 -13.43
N LYS A 65 -2.74 -23.07 -13.86
CA LYS A 65 -3.83 -23.34 -12.92
C LYS A 65 -3.34 -24.17 -11.74
N LYS A 66 -2.52 -25.19 -12.01
CA LYS A 66 -2.03 -26.06 -10.93
C LYS A 66 -1.19 -25.27 -9.93
N GLU A 67 -0.38 -24.33 -10.40
CA GLU A 67 0.44 -23.52 -9.50
C GLU A 67 -0.42 -22.56 -8.70
N ALA A 68 -1.40 -21.94 -9.35
CA ALA A 68 -2.25 -20.96 -8.67
C ALA A 68 -3.06 -21.62 -7.55
N ARG A 69 -3.46 -22.87 -7.73
CA ARG A 69 -4.24 -23.56 -6.70
C ARG A 69 -3.46 -23.73 -5.41
N LYS A 70 -2.13 -23.63 -5.46
CA LYS A 70 -1.29 -23.78 -4.27
C LYS A 70 -0.89 -22.44 -3.68
N MET A 71 -1.66 -21.39 -3.96
CA MET A 71 -1.38 -20.05 -3.44
C MET A 71 -2.69 -19.36 -3.09
N ASP A 72 -2.66 -18.57 -2.02
CA ASP A 72 -3.79 -17.73 -1.67
C ASP A 72 -3.86 -16.55 -2.63
N ARG A 73 -5.07 -15.97 -2.75
CA ARG A 73 -5.25 -14.78 -3.57
C ARG A 73 -4.20 -13.70 -3.28
N PHE A 74 -3.86 -13.48 -2.00
CA PHE A 74 -2.91 -12.40 -1.72
C PHE A 74 -1.58 -12.65 -2.40
N THR A 75 -1.18 -13.92 -2.51
CA THR A 75 0.05 -14.28 -3.19
C THR A 75 -0.09 -14.15 -4.71
N HIS A 76 -1.28 -14.46 -5.25
CA HIS A 76 -1.53 -14.16 -6.67
C HIS A 76 -1.23 -12.70 -6.96
N TYR A 77 -1.69 -11.80 -6.08
CA TYR A 77 -1.51 -10.38 -6.33
C TYR A 77 -0.05 -9.97 -6.21
N ALA A 78 0.65 -10.54 -5.23
CA ALA A 78 2.08 -10.26 -5.08
C ALA A 78 2.86 -10.72 -6.30
N ILE A 79 2.54 -11.92 -6.81
CA ILE A 79 3.25 -12.46 -7.97
C ILE A 79 2.99 -11.61 -9.21
N ALA A 80 1.71 -11.28 -9.46
CA ALA A 80 1.37 -10.50 -10.64
C ALA A 80 2.07 -9.15 -10.61
N SER A 81 2.02 -8.48 -9.46
CA SER A 81 2.62 -7.15 -9.34
C SER A 81 4.15 -7.22 -9.42
N ALA A 82 4.75 -8.24 -8.80
CA ALA A 82 6.20 -8.39 -8.89
C ALA A 82 6.64 -8.68 -10.32
N GLU A 83 5.89 -9.53 -11.03
CA GLU A 83 6.20 -9.80 -12.43
C GLU A 83 6.19 -8.52 -13.24
N MET A 84 5.13 -7.72 -13.09
CA MET A 84 5.05 -6.48 -13.86
C MET A 84 6.17 -5.52 -13.47
N ALA A 85 6.51 -5.48 -12.18
CA ALA A 85 7.56 -4.57 -11.73
C ALA A 85 8.94 -5.00 -12.23
N VAL A 86 9.26 -6.30 -12.13
CA VAL A 86 10.53 -6.78 -12.64
C VAL A 86 10.65 -6.52 -14.14
N GLN A 87 9.59 -6.82 -14.89
CA GLN A 87 9.61 -6.59 -16.33
C GLN A 87 9.80 -5.10 -16.62
N ASP A 88 9.04 -4.26 -15.93
CA ASP A 88 9.15 -2.80 -16.11
C ASP A 88 10.57 -2.33 -15.86
N SER A 89 11.25 -2.92 -14.87
CA SER A 89 12.58 -2.46 -14.49
C SER A 89 13.65 -2.87 -15.49
N GLY A 90 13.40 -3.91 -16.30
CA GLY A 90 14.44 -4.44 -17.15
C GLY A 90 15.60 -5.07 -16.41
N LEU A 91 15.54 -5.16 -15.09
CA LEU A 91 16.62 -5.78 -14.34
C LEU A 91 16.71 -7.26 -14.67
N VAL A 92 17.93 -7.72 -14.97
CA VAL A 92 18.19 -9.13 -15.24
C VAL A 92 18.83 -9.73 -13.99
N ILE A 93 18.18 -10.75 -13.44
CA ILE A 93 18.65 -11.45 -12.26
C ILE A 93 19.20 -12.78 -12.75
N ASP A 94 20.53 -12.94 -12.67
CA ASP A 94 21.16 -14.19 -13.09
C ASP A 94 22.18 -14.62 -12.04
N ASP A 95 22.97 -15.65 -12.34
CA ASP A 95 23.89 -16.16 -11.33
C ASP A 95 24.88 -15.10 -10.88
N SER A 96 25.19 -14.12 -11.73
CA SER A 96 26.22 -13.15 -11.41
C SER A 96 25.78 -12.16 -10.35
N ASN A 97 24.47 -11.91 -10.19
CA ASN A 97 23.99 -10.93 -9.23
C ASN A 97 22.88 -11.42 -8.33
N ALA A 98 22.47 -12.69 -8.42
CA ALA A 98 21.32 -13.16 -7.67
C ALA A 98 21.50 -12.95 -6.17
N ASN A 99 22.72 -13.12 -5.66
CA ASN A 99 22.98 -12.95 -4.23
C ASN A 99 22.75 -11.53 -3.76
N ARG A 100 22.70 -10.56 -4.69
CA ARG A 100 22.58 -9.15 -4.37
C ARG A 100 21.18 -8.60 -4.66
N VAL A 101 20.23 -9.46 -4.98
CA VAL A 101 18.85 -9.05 -5.24
C VAL A 101 17.97 -9.77 -4.23
N GLY A 102 17.28 -9.01 -3.39
CA GLY A 102 16.43 -9.56 -2.36
C GLY A 102 14.97 -9.22 -2.57
N VAL A 103 14.17 -9.66 -1.61
CA VAL A 103 12.71 -9.54 -1.65
C VAL A 103 12.23 -9.17 -0.26
N TRP A 104 11.42 -8.12 -0.17
CA TRP A 104 10.85 -7.69 1.11
C TRP A 104 9.40 -7.27 0.85
N ILE A 105 8.50 -8.24 0.89
CA ILE A 105 7.09 -8.05 0.56
C ILE A 105 6.27 -8.43 1.78
N GLY A 106 5.40 -7.52 2.21
CA GLY A 106 4.57 -7.76 3.35
C GLY A 106 3.14 -8.07 3.01
N SER A 107 2.43 -8.67 3.95
CA SER A 107 0.99 -8.80 3.92
C SER A 107 0.51 -8.60 5.35
N GLY A 108 -0.62 -7.90 5.50
CA GLY A 108 -1.14 -7.61 6.82
C GLY A 108 -1.80 -8.80 7.49
N ILE A 109 -2.61 -9.55 6.74
CA ILE A 109 -3.34 -10.68 7.29
C ILE A 109 -3.10 -11.98 6.53
N GLY A 110 -2.34 -11.96 5.44
CA GLY A 110 -1.98 -13.18 4.76
C GLY A 110 -3.18 -13.92 4.18
N GLY A 111 -3.09 -15.24 4.21
CA GLY A 111 -4.05 -16.07 3.49
C GLY A 111 -5.29 -16.43 4.30
N MET A 112 -6.10 -15.42 4.61
CA MET A 112 -7.28 -15.66 5.44
C MET A 112 -8.27 -16.56 4.73
N GLU A 113 -8.45 -16.39 3.42
CA GLU A 113 -9.38 -17.26 2.70
C GLU A 113 -8.92 -18.71 2.78
N THR A 114 -7.61 -18.95 2.63
CA THR A 114 -7.11 -20.31 2.74
C THR A 114 -7.38 -20.89 4.12
N PHE A 115 -7.17 -20.09 5.16
CA PHE A 115 -7.44 -20.57 6.52
C PHE A 115 -8.90 -20.97 6.66
N GLU A 116 -9.81 -20.12 6.18
CA GLU A 116 -11.24 -20.44 6.24
C GLU A 116 -11.54 -21.75 5.53
N THR A 117 -11.03 -21.91 4.32
CA THR A 117 -11.34 -23.10 3.52
C THR A 117 -10.77 -24.35 4.16
N GLN A 118 -9.53 -24.29 4.63
CA GLN A 118 -8.86 -25.49 5.15
C GLN A 118 -9.42 -25.88 6.51
N TYR A 119 -9.77 -24.91 7.34
CA TYR A 119 -10.34 -25.25 8.64
C TYR A 119 -11.72 -25.88 8.47
N GLU A 120 -12.49 -25.43 7.48
CA GLU A 120 -13.78 -26.07 7.20
C GLU A 120 -13.57 -27.52 6.76
N ILE A 121 -12.53 -27.78 5.95
CA ILE A 121 -12.19 -29.14 5.59
C ILE A 121 -11.82 -29.94 6.83
N PHE A 122 -11.01 -29.35 7.71
CA PHE A 122 -10.64 -30.02 8.96
C PHE A 122 -11.88 -30.44 9.73
N LEU A 123 -12.83 -29.51 9.91
CA LEU A 123 -14.00 -29.80 10.73
C LEU A 123 -14.90 -30.83 10.06
N ASN A 124 -15.13 -30.70 8.75
CA ASN A 124 -16.12 -31.51 8.07
C ASN A 124 -15.60 -32.85 7.58
N ARG A 125 -14.29 -32.97 7.33
CA ARG A 125 -13.74 -34.17 6.74
C ARG A 125 -12.58 -34.79 7.52
N GLY A 126 -12.05 -34.12 8.53
CA GLY A 126 -11.01 -34.69 9.36
C GLY A 126 -9.65 -34.08 9.07
N HIS A 127 -8.75 -34.24 10.05
CA HIS A 127 -7.42 -33.64 9.96
C HIS A 127 -6.63 -34.19 8.77
N ARG A 128 -6.86 -35.45 8.40
CA ARG A 128 -6.09 -36.05 7.31
C ARG A 128 -6.34 -35.38 5.97
N ARG A 129 -7.45 -34.66 5.83
CA ARG A 129 -7.80 -34.06 4.55
C ARG A 129 -7.25 -32.65 4.38
N VAL A 130 -6.64 -32.06 5.42
CA VAL A 130 -6.04 -30.74 5.27
C VAL A 130 -4.94 -30.80 4.22
N SER A 131 -4.84 -29.75 3.42
CA SER A 131 -3.89 -29.76 2.32
C SER A 131 -2.45 -29.76 2.83
N PRO A 132 -1.54 -30.50 2.19
CA PRO A 132 -0.12 -30.39 2.57
C PRO A 132 0.44 -29.00 2.41
N PHE A 133 -0.21 -28.12 1.65
CA PHE A 133 0.27 -26.78 1.40
C PHE A 133 -0.48 -25.73 2.22
N PHE A 134 -1.28 -26.15 3.19
CA PHE A 134 -2.05 -25.20 3.98
C PHE A 134 -1.16 -24.16 4.64
N VAL A 135 -0.15 -24.61 5.39
CA VAL A 135 0.71 -23.70 6.17
C VAL A 135 1.38 -22.70 5.23
N PRO A 136 2.12 -23.14 4.21
CA PRO A 136 2.76 -22.15 3.33
C PRO A 136 1.78 -21.21 2.67
N MET A 137 0.59 -21.68 2.30
CA MET A 137 -0.37 -20.83 1.62
C MET A 137 -0.91 -19.73 2.53
N MET A 138 -1.05 -20.02 3.82
CA MET A 138 -1.69 -19.07 4.73
C MET A 138 -0.73 -18.02 5.25
N ILE A 139 0.54 -18.35 5.44
CA ILE A 139 1.43 -17.45 6.17
C ILE A 139 1.76 -16.23 5.33
N PRO A 140 1.90 -15.04 5.93
CA PRO A 140 2.03 -13.82 5.13
C PRO A 140 3.32 -13.72 4.37
N ASP A 141 4.36 -14.46 4.75
CA ASP A 141 5.63 -14.39 4.04
C ASP A 141 5.65 -15.23 2.76
N MET A 142 4.54 -15.85 2.38
CA MET A 142 4.57 -16.62 1.15
C MET A 142 4.68 -15.74 -0.08
N GLY A 143 4.26 -14.48 0.02
CA GLY A 143 4.52 -13.54 -1.06
C GLY A 143 5.99 -13.42 -1.37
N SER A 144 6.79 -13.10 -0.35
CA SER A 144 8.24 -13.02 -0.54
C SER A 144 8.81 -14.37 -0.96
N GLY A 145 8.36 -15.45 -0.32
CA GLY A 145 8.91 -16.76 -0.63
C GLY A 145 8.70 -17.13 -2.08
N GLN A 146 7.47 -16.94 -2.58
CA GLN A 146 7.17 -17.28 -3.96
C GLN A 146 7.86 -16.34 -4.94
N VAL A 147 7.90 -15.05 -4.62
CA VAL A 147 8.55 -14.09 -5.53
C VAL A 147 10.04 -14.39 -5.63
N SER A 148 10.68 -14.70 -4.50
CA SER A 148 12.09 -15.05 -4.54
C SER A 148 12.35 -16.22 -5.47
N ILE A 149 11.56 -17.29 -5.36
CA ILE A 149 11.72 -18.45 -6.21
C ILE A 149 11.49 -18.08 -7.67
N ARG A 150 10.44 -17.32 -7.93
CA ARG A 150 10.06 -17.03 -9.31
C ARG A 150 11.18 -16.30 -10.05
N PHE A 151 11.86 -15.36 -9.37
CA PHE A 151 12.84 -14.52 -10.04
C PHE A 151 14.28 -14.90 -9.71
N GLY A 152 14.51 -15.91 -8.87
CA GLY A 152 15.85 -16.31 -8.52
C GLY A 152 16.58 -15.33 -7.62
N ALA A 153 15.85 -14.56 -6.83
CA ALA A 153 16.45 -13.56 -5.95
C ALA A 153 16.96 -14.23 -4.68
N LYS A 154 18.27 -14.16 -4.46
CA LYS A 154 18.92 -14.90 -3.39
C LYS A 154 19.44 -14.00 -2.26
N GLY A 155 19.21 -12.70 -2.34
CA GLY A 155 19.49 -11.81 -1.23
C GLY A 155 18.46 -11.98 -0.13
N ILE A 156 18.46 -11.02 0.80
CA ILE A 156 17.56 -11.10 1.94
C ILE A 156 16.14 -11.33 1.46
N ASN A 157 15.44 -12.25 2.15
CA ASN A 157 14.08 -12.67 1.79
C ASN A 157 13.27 -12.50 3.06
N SER A 158 12.51 -11.40 3.16
CA SER A 158 11.84 -11.09 4.40
C SER A 158 10.47 -10.49 4.16
N THR A 159 9.75 -10.30 5.26
CA THR A 159 8.35 -9.89 5.25
C THR A 159 8.12 -9.11 6.54
N THR A 160 7.64 -7.88 6.41
CA THR A 160 7.20 -7.10 7.56
C THR A 160 5.68 -7.13 7.59
N VAL A 161 5.11 -7.27 8.79
CA VAL A 161 3.67 -7.35 8.98
C VAL A 161 3.31 -6.30 10.02
N THR A 162 2.72 -5.19 9.57
CA THR A 162 2.39 -4.07 10.44
C THR A 162 1.04 -3.47 10.03
N ALA A 163 0.06 -4.35 9.80
CA ALA A 163 -1.32 -3.94 9.50
C ALA A 163 -1.29 -2.98 8.31
N CYS A 164 -1.95 -1.82 8.39
CA CYS A 164 -2.06 -0.92 7.24
C CYS A 164 -0.72 -0.35 6.81
N ALA A 165 0.29 -0.39 7.67
CA ALA A 165 1.62 0.15 7.35
C ALA A 165 2.53 -0.88 6.70
N THR A 166 2.01 -2.09 6.47
CA THR A 166 2.84 -3.22 6.03
C THR A 166 3.71 -2.89 4.83
N ALA A 167 3.09 -2.39 3.75
CA ALA A 167 3.86 -2.14 2.52
C ALA A 167 4.83 -0.97 2.69
N THR A 168 4.41 0.05 3.44
CA THR A 168 5.28 1.21 3.64
C THR A 168 6.50 0.83 4.47
N ASN A 169 6.30 0.08 5.55
CA ASN A 169 7.45 -0.44 6.31
C ASN A 169 8.32 -1.33 5.44
N SER A 170 7.71 -2.24 4.67
CA SER A 170 8.49 -3.17 3.86
C SER A 170 9.39 -2.43 2.87
N ILE A 171 8.84 -1.43 2.18
CA ILE A 171 9.64 -0.67 1.23
C ILE A 171 10.74 0.11 1.96
N GLY A 172 10.41 0.70 3.11
CA GLY A 172 11.43 1.39 3.90
C GLY A 172 12.52 0.44 4.37
N ASP A 173 12.14 -0.75 4.82
CA ASP A 173 13.13 -1.72 5.28
C ASP A 173 14.02 -2.16 4.13
N ALA A 174 13.44 -2.35 2.93
CA ALA A 174 14.24 -2.70 1.77
C ALA A 174 15.17 -1.55 1.38
N PHE A 175 14.66 -0.32 1.45
CA PHE A 175 15.49 0.86 1.22
C PHE A 175 16.71 0.85 2.14
N LYS A 176 16.50 0.55 3.42
CA LYS A 176 17.62 0.52 4.35
C LYS A 176 18.61 -0.60 4.05
N VAL A 177 18.13 -1.75 3.56
CA VAL A 177 19.05 -2.82 3.14
C VAL A 177 20.01 -2.30 2.09
N ILE A 178 19.48 -1.62 1.06
CA ILE A 178 20.34 -1.14 -0.03
C ILE A 178 21.24 -0.01 0.48
N GLU A 179 20.68 0.88 1.30
CA GLU A 179 21.44 2.02 1.79
C GLU A 179 22.71 1.58 2.53
N ARG A 180 22.61 0.51 3.31
CA ARG A 180 23.75 0.02 4.09
C ARG A 180 24.64 -0.93 3.31
N GLY A 181 24.35 -1.19 2.04
CA GLY A 181 25.22 -1.96 1.17
C GLY A 181 24.93 -3.44 1.12
N ASP A 182 23.81 -3.91 1.66
CA ASP A 182 23.54 -5.34 1.78
C ASP A 182 22.74 -5.90 0.62
N ALA A 183 22.38 -5.08 -0.36
CA ALA A 183 21.78 -5.55 -1.60
C ALA A 183 21.93 -4.45 -2.64
N ASP A 184 21.96 -4.86 -3.91
CA ASP A 184 21.94 -3.89 -5.01
C ASP A 184 20.54 -3.66 -5.57
N ALA A 185 19.61 -4.57 -5.33
CA ALA A 185 18.23 -4.36 -5.74
C ALA A 185 17.31 -5.13 -4.81
N MET A 186 16.08 -4.66 -4.69
CA MET A 186 15.08 -5.28 -3.84
C MET A 186 13.73 -5.23 -4.54
N ILE A 187 13.02 -6.35 -4.52
CA ILE A 187 11.63 -6.44 -4.97
C ILE A 187 10.79 -6.28 -3.72
N THR A 188 10.03 -5.19 -3.60
CA THR A 188 9.48 -4.83 -2.30
C THR A 188 8.12 -4.17 -2.43
N GLY A 189 7.29 -4.38 -1.41
CA GLY A 189 5.97 -3.77 -1.35
C GLY A 189 5.04 -4.57 -0.46
N GLY A 190 3.76 -4.63 -0.83
CA GLY A 190 2.79 -5.36 -0.04
C GLY A 190 1.65 -5.87 -0.88
N ALA A 191 0.95 -6.86 -0.32
CA ALA A 191 -0.17 -7.51 -0.99
C ALA A 191 -1.19 -7.92 0.05
N GLU A 192 -2.47 -7.85 -0.32
CA GLU A 192 -3.54 -8.16 0.62
C GLU A 192 -4.77 -8.62 -0.14
N ALA A 193 -5.38 -9.69 0.36
CA ALA A 193 -6.66 -10.18 -0.13
C ALA A 193 -7.57 -10.33 1.09
N PRO A 194 -8.07 -9.22 1.63
CA PRO A 194 -8.81 -9.26 2.91
C PRO A 194 -10.32 -9.30 2.75
N ILE A 195 -10.85 -9.43 1.54
CA ILE A 195 -12.29 -9.51 1.35
C ILE A 195 -12.71 -10.94 1.58
N THR A 196 -12.82 -11.32 2.85
CA THR A 196 -13.23 -12.66 3.25
C THR A 196 -14.26 -12.53 4.36
N LYS A 197 -15.02 -13.59 4.58
CA LYS A 197 -16.13 -13.50 5.53
C LYS A 197 -15.64 -13.25 6.95
N MET A 198 -14.51 -13.84 7.35
CA MET A 198 -14.00 -13.60 8.70
C MET A 198 -13.39 -12.23 8.84
N SER A 199 -12.70 -11.76 7.78
CA SER A 199 -12.17 -10.40 7.81
C SER A 199 -13.30 -9.38 7.95
N LEU A 200 -14.33 -9.50 7.11
CA LEU A 200 -15.48 -8.60 7.23
C LEU A 200 -16.10 -8.70 8.62
N ALA A 201 -16.28 -9.92 9.11
CA ALA A 201 -16.90 -10.08 10.43
C ALA A 201 -16.06 -9.42 11.52
N GLY A 202 -14.73 -9.54 11.41
CA GLY A 202 -13.86 -8.97 12.44
C GLY A 202 -13.82 -7.45 12.40
N PHE A 203 -13.67 -6.88 11.21
CA PHE A 203 -13.63 -5.43 11.10
C PHE A 203 -15.00 -4.81 11.41
N THR A 204 -16.09 -5.53 11.12
CA THR A 204 -17.42 -5.04 11.49
C THR A 204 -17.61 -5.11 13.00
N ALA A 205 -17.18 -6.21 13.62
CA ALA A 205 -17.27 -6.32 15.08
C ALA A 205 -16.47 -5.23 15.78
N ASN A 206 -15.34 -4.84 15.18
CA ASN A 206 -14.49 -3.76 15.69
C ASN A 206 -15.04 -2.39 15.35
N LYS A 207 -16.15 -2.31 14.61
CA LYS A 207 -16.80 -1.04 14.28
C LYS A 207 -15.90 -0.15 13.41
N ALA A 208 -15.04 -0.76 12.61
CA ALA A 208 -14.08 -0.01 11.80
C ALA A 208 -14.60 0.33 10.42
N LEU A 209 -15.57 -0.42 9.90
CA LEU A 209 -16.04 -0.26 8.53
C LEU A 209 -17.23 0.68 8.48
N SER A 210 -17.28 1.50 7.43
CA SER A 210 -18.49 2.27 7.16
C SER A 210 -19.62 1.31 6.81
N LEU A 211 -20.80 1.59 7.34
CA LEU A 211 -22.01 0.86 7.00
C LEU A 211 -22.83 1.57 5.93
N ASN A 212 -22.30 2.65 5.37
CA ASN A 212 -22.98 3.37 4.30
C ASN A 212 -22.96 2.51 3.05
N PRO A 213 -24.11 2.08 2.53
CA PRO A 213 -24.11 1.18 1.37
C PRO A 213 -23.99 1.87 0.02
N ASP A 214 -23.87 3.21 -0.02
CA ASP A 214 -23.82 3.93 -1.27
C ASP A 214 -22.37 4.04 -1.72
N PRO A 215 -21.95 3.34 -2.78
CA PRO A 215 -20.55 3.45 -3.21
C PRO A 215 -20.16 4.86 -3.65
N GLU A 216 -21.12 5.73 -3.95
CA GLU A 216 -20.79 7.09 -4.37
C GLU A 216 -20.49 8.03 -3.21
N THR A 217 -20.80 7.64 -1.97
CA THR A 217 -20.54 8.48 -0.82
C THR A 217 -19.89 7.77 0.36
N ALA A 218 -19.76 6.45 0.32
CA ALA A 218 -19.28 5.72 1.51
C ALA A 218 -17.88 6.15 1.89
N CYS A 219 -16.92 6.04 0.97
CA CYS A 219 -15.55 6.45 1.23
C CYS A 219 -15.39 7.92 0.85
N ARG A 220 -15.09 8.76 1.84
CA ARG A 220 -14.95 10.19 1.62
C ARG A 220 -13.93 10.75 2.62
N PRO A 221 -12.65 10.47 2.39
CA PRO A 221 -11.62 10.94 3.32
C PRO A 221 -11.67 12.45 3.50
N PHE A 222 -11.52 12.88 4.75
CA PHE A 222 -11.48 14.29 5.16
C PHE A 222 -12.84 14.98 5.05
N ASP A 223 -13.88 14.27 4.62
CA ASP A 223 -15.21 14.84 4.56
C ASP A 223 -15.85 14.81 5.94
N LYS A 224 -16.67 15.83 6.21
CA LYS A 224 -17.31 15.97 7.51
C LYS A 224 -18.14 14.73 7.87
N ASP A 225 -18.68 14.03 6.87
CA ASP A 225 -19.61 12.93 7.10
C ASP A 225 -18.97 11.55 7.00
N ARG A 226 -17.65 11.46 6.88
CA ARG A 226 -16.98 10.16 6.88
C ARG A 226 -17.36 9.37 8.13
N ASP A 227 -17.38 8.04 8.01
CA ASP A 227 -17.86 7.20 9.11
C ASP A 227 -17.29 5.79 9.01
N GLY A 228 -16.04 5.66 8.58
CA GLY A 228 -15.37 4.38 8.57
C GLY A 228 -14.73 4.02 7.24
N PHE A 229 -13.85 3.03 7.23
CA PHE A 229 -13.15 2.72 5.99
C PHE A 229 -13.93 1.70 5.16
N ILE A 230 -13.53 1.60 3.90
CA ILE A 230 -14.11 0.66 2.94
C ILE A 230 -13.00 -0.29 2.54
N ILE A 231 -13.28 -1.58 2.60
CA ILE A 231 -12.23 -2.59 2.44
C ILE A 231 -11.91 -2.78 0.96
N GLY A 232 -10.62 -2.86 0.65
CA GLY A 232 -10.15 -3.11 -0.69
C GLY A 232 -9.12 -4.22 -0.72
N GLU A 233 -8.61 -4.49 -1.91
CA GLU A 233 -7.63 -5.55 -2.12
C GLU A 233 -6.68 -5.15 -3.24
N GLY A 234 -5.55 -5.85 -3.28
CA GLY A 234 -4.60 -5.71 -4.37
C GLY A 234 -3.18 -5.83 -3.89
N ALA A 235 -2.27 -5.23 -4.65
CA ALA A 235 -0.86 -5.27 -4.32
C ALA A 235 -0.15 -4.15 -5.05
N GLY A 236 0.93 -3.68 -4.45
CA GLY A 236 1.81 -2.73 -5.08
C GLY A 236 3.26 -3.08 -4.78
N ILE A 237 4.06 -3.20 -5.84
CA ILE A 237 5.46 -3.63 -5.73
C ILE A 237 6.32 -2.63 -6.47
N VAL A 238 7.46 -2.29 -5.90
CA VAL A 238 8.47 -1.48 -6.60
C VAL A 238 9.78 -2.24 -6.60
N ILE A 239 10.61 -1.91 -7.58
CA ILE A 239 12.00 -2.35 -7.61
C ILE A 239 12.84 -1.19 -7.11
N LEU A 240 13.50 -1.39 -5.97
CA LEU A 240 14.49 -0.45 -5.50
C LEU A 240 15.86 -0.92 -5.95
N GLU A 241 16.73 0.03 -6.25
CA GLU A 241 18.04 -0.30 -6.82
C GLU A 241 19.07 0.72 -6.36
N GLU A 242 20.26 0.23 -6.04
CA GLU A 242 21.35 1.13 -5.71
C GLU A 242 21.67 2.02 -6.91
N TYR A 243 21.94 3.30 -6.65
CA TYR A 243 21.94 4.31 -7.70
C TYR A 243 23.02 4.05 -8.74
N GLU A 244 24.24 3.74 -8.29
CA GLU A 244 25.31 3.50 -9.26
C GLU A 244 25.01 2.27 -10.10
N HIS A 245 24.45 1.22 -9.49
CA HIS A 245 24.04 0.03 -10.23
C HIS A 245 23.00 0.39 -11.30
N ALA A 246 22.03 1.23 -10.95
CA ALA A 246 20.99 1.62 -11.89
C ALA A 246 21.57 2.39 -13.06
N LYS A 247 22.42 3.38 -12.78
CA LYS A 247 23.03 4.16 -13.85
C LYS A 247 23.91 3.29 -14.75
N ALA A 248 24.63 2.35 -14.15
CA ALA A 248 25.57 1.55 -14.93
C ALA A 248 24.86 0.75 -16.02
N ARG A 249 23.64 0.27 -15.74
CA ARG A 249 22.87 -0.48 -16.72
C ARG A 249 21.87 0.38 -17.49
N GLY A 250 21.85 1.70 -17.25
CA GLY A 250 20.94 2.58 -17.96
C GLY A 250 19.50 2.43 -17.56
N ALA A 251 19.25 2.05 -16.31
CA ALA A 251 17.89 1.81 -15.87
C ALA A 251 17.04 3.09 -15.97
N LYS A 252 15.79 2.92 -16.40
CA LYS A 252 14.80 3.97 -16.23
C LYS A 252 14.56 4.20 -14.74
N ILE A 253 14.57 5.46 -14.33
CA ILE A 253 14.45 5.82 -12.92
C ILE A 253 13.20 6.68 -12.74
N TYR A 254 12.29 6.22 -11.87
CA TYR A 254 11.09 6.99 -11.56
C TYR A 254 11.40 8.14 -10.62
N ALA A 255 12.19 7.90 -9.59
CA ALA A 255 12.55 8.90 -8.59
C ALA A 255 13.54 8.26 -7.63
N GLU A 256 14.07 9.08 -6.73
CA GLU A 256 14.92 8.60 -5.66
C GLU A 256 14.08 8.41 -4.40
N ILE A 257 14.31 7.32 -3.68
CA ILE A 257 13.76 7.17 -2.34
C ILE A 257 14.80 7.72 -1.37
N VAL A 258 14.41 8.71 -0.57
CA VAL A 258 15.36 9.47 0.24
C VAL A 258 15.06 9.45 1.73
N GLY A 259 13.88 9.02 2.15
CA GLY A 259 13.56 9.06 3.57
C GLY A 259 12.57 8.02 4.02
N TYR A 260 12.78 7.50 5.22
CA TYR A 260 11.92 6.50 5.85
C TYR A 260 11.77 6.88 7.31
N GLY A 261 10.53 7.07 7.75
CA GLY A 261 10.23 7.29 9.16
C GLY A 261 9.31 6.18 9.67
N ALA A 262 9.55 5.76 10.91
CA ALA A 262 8.73 4.71 11.52
C ALA A 262 8.73 4.93 13.02
N THR A 263 7.53 4.99 13.60
CA THR A 263 7.36 5.23 15.03
C THR A 263 6.18 4.42 15.53
N GLY A 264 6.02 4.41 16.85
CA GLY A 264 4.89 3.73 17.48
C GLY A 264 4.13 4.68 18.39
N ASP A 265 2.81 4.50 18.42
CA ASP A 265 1.95 5.32 19.28
C ASP A 265 2.09 4.93 20.76
N ALA A 266 2.27 3.64 21.04
CA ALA A 266 2.23 3.12 22.41
C ALA A 266 0.94 3.54 23.11
N TYR A 267 -0.17 3.50 22.39
CA TYR A 267 -1.43 4.05 22.88
C TYR A 267 -2.52 2.99 23.02
N HIS A 268 -2.92 2.34 21.93
CA HIS A 268 -4.04 1.40 21.94
C HIS A 268 -3.87 0.44 20.78
N ILE A 269 -4.42 -0.77 20.93
CA ILE A 269 -4.18 -1.82 19.95
C ILE A 269 -4.89 -1.56 18.62
N THR A 270 -5.96 -0.76 18.60
CA THR A 270 -6.65 -0.48 17.35
C THR A 270 -6.90 1.02 17.12
N ALA A 271 -7.08 1.78 18.18
CA ALA A 271 -7.36 3.20 17.99
C ALA A 271 -6.06 3.99 17.83
N PRO A 272 -5.99 4.92 16.88
CA PRO A 272 -4.80 5.76 16.76
C PRO A 272 -4.73 6.78 17.89
N ALA A 273 -3.53 7.27 18.14
CA ALA A 273 -3.29 8.14 19.30
C ALA A 273 -3.87 9.53 19.05
N PRO A 274 -4.41 10.18 20.08
CA PRO A 274 -4.91 11.54 19.91
C PRO A 274 -3.85 12.48 19.34
N ASN A 275 -4.31 13.43 18.54
CA ASN A 275 -3.50 14.52 17.99
C ASN A 275 -2.52 14.07 16.92
N GLY A 276 -2.53 12.79 16.54
CA GLY A 276 -1.55 12.32 15.59
C GLY A 276 -0.14 12.37 16.11
N GLU A 277 0.03 12.22 17.43
CA GLU A 277 1.33 12.40 18.06
C GLU A 277 2.40 11.54 17.42
N GLY A 278 2.11 10.25 17.22
CA GLY A 278 3.10 9.35 16.65
C GLY A 278 3.26 9.53 15.15
N ALA A 279 2.15 9.76 14.46
CA ALA A 279 2.20 10.03 13.02
C ALA A 279 3.07 11.24 12.72
N ALA A 280 2.96 12.29 13.53
CA ALA A 280 3.80 13.47 13.33
C ALA A 280 5.27 13.11 13.44
N ARG A 281 5.63 12.31 14.45
CA ARG A 281 7.03 11.93 14.60
C ARG A 281 7.53 11.08 13.44
N ALA A 282 6.66 10.24 12.87
CA ALA A 282 7.07 9.45 11.72
C ALA A 282 7.34 10.33 10.50
N MET A 283 6.47 11.31 10.23
CA MET A 283 6.69 12.20 9.11
C MET A 283 7.98 13.00 9.31
N LYS A 284 8.17 13.55 10.51
CA LYS A 284 9.38 14.34 10.77
C LYS A 284 10.63 13.47 10.65
N MET A 285 10.58 12.25 11.18
CA MET A 285 11.72 11.34 11.03
C MET A 285 12.04 11.10 9.56
N ALA A 286 11.01 10.93 8.73
CA ALA A 286 11.23 10.64 7.32
C ALA A 286 11.88 11.81 6.61
N ILE A 287 11.40 13.03 6.83
CA ILE A 287 12.01 14.18 6.17
C ILE A 287 13.41 14.45 6.73
N ASP A 288 13.60 14.23 8.04
CA ASP A 288 14.95 14.33 8.60
C ASP A 288 15.89 13.32 7.94
N ASP A 289 15.40 12.10 7.73
CA ASP A 289 16.21 11.08 7.07
C ASP A 289 16.62 11.54 5.68
N ALA A 290 15.72 12.22 4.98
CA ALA A 290 16.00 12.77 3.66
C ALA A 290 16.85 14.04 3.69
N GLY A 291 17.17 14.57 4.86
CA GLY A 291 17.91 15.82 4.93
C GLY A 291 17.14 17.01 4.40
N LEU A 292 15.81 16.99 4.49
CA LEU A 292 14.96 18.03 3.95
C LEU A 292 14.19 18.71 5.08
N THR A 293 13.95 20.00 4.92
CA THR A 293 13.08 20.69 5.85
C THR A 293 11.63 20.54 5.40
N PRO A 294 10.68 20.75 6.31
CA PRO A 294 9.26 20.52 5.95
C PRO A 294 8.80 21.31 4.73
N ASP A 295 9.33 22.53 4.53
CA ASP A 295 8.89 23.36 3.41
C ASP A 295 9.23 22.75 2.06
N LYS A 296 10.12 21.76 2.01
CA LYS A 296 10.50 21.14 0.74
C LYS A 296 9.45 20.17 0.24
N VAL A 297 8.49 19.75 1.07
CA VAL A 297 7.51 18.76 0.65
C VAL A 297 6.43 19.44 -0.16
N ASP A 298 6.16 18.92 -1.36
CA ASP A 298 5.15 19.47 -2.24
C ASP A 298 3.81 18.74 -2.16
N TYR A 299 3.82 17.44 -1.88
CA TYR A 299 2.60 16.63 -1.94
C TYR A 299 2.68 15.52 -0.91
N ILE A 300 1.56 15.31 -0.21
CA ILE A 300 1.42 14.22 0.75
C ILE A 300 0.33 13.29 0.21
N ASN A 301 0.70 12.05 -0.09
CA ASN A 301 -0.32 11.02 -0.30
C ASN A 301 -0.67 10.51 1.08
N ALA A 302 -1.84 10.93 1.58
CA ALA A 302 -2.21 10.69 2.96
C ALA A 302 -2.56 9.22 3.18
N HIS A 303 -2.50 8.82 4.44
CA HIS A 303 -3.14 7.57 4.83
C HIS A 303 -4.64 7.65 4.56
N GLY A 304 -5.30 8.67 5.11
CA GLY A 304 -6.62 9.09 4.69
C GLY A 304 -7.63 7.99 4.47
N THR A 305 -7.93 7.23 5.52
CA THR A 305 -8.76 6.04 5.41
C THR A 305 -10.25 6.31 5.52
N SER A 306 -10.66 7.56 5.78
CA SER A 306 -12.08 7.93 5.88
C SER A 306 -12.68 7.52 7.22
N THR A 307 -11.85 7.41 8.26
CA THR A 307 -12.42 7.23 9.58
C THR A 307 -12.41 8.56 10.34
N PRO A 308 -13.33 8.74 11.29
CA PRO A 308 -13.32 9.97 12.08
C PRO A 308 -11.96 10.29 12.70
N TYR A 309 -11.37 9.34 13.41
CA TYR A 309 -10.10 9.59 14.10
C TYR A 309 -8.96 9.78 13.11
N ASN A 310 -8.78 8.88 12.15
CA ASN A 310 -7.56 8.95 11.34
C ASN A 310 -7.46 10.29 10.63
N ASP A 311 -8.50 10.69 9.92
CA ASP A 311 -8.38 11.85 9.06
C ASP A 311 -8.18 13.11 9.89
N GLU A 312 -8.83 13.18 11.06
CA GLU A 312 -8.61 14.25 12.01
C GLU A 312 -7.17 14.25 12.52
N TYR A 313 -6.73 13.10 13.05
CA TYR A 313 -5.40 13.03 13.65
C TYR A 313 -4.31 13.24 12.62
N GLU A 314 -4.51 12.75 11.39
CA GLU A 314 -3.51 12.93 10.36
C GLU A 314 -3.40 14.41 9.98
N THR A 315 -4.52 15.12 9.89
CA THR A 315 -4.48 16.56 9.65
C THR A 315 -3.72 17.26 10.77
N GLN A 316 -3.99 16.90 12.02
CA GLN A 316 -3.30 17.52 13.14
C GLN A 316 -1.81 17.24 13.09
N ALA A 317 -1.42 16.01 12.75
CA ALA A 317 -0.01 15.68 12.63
C ALA A 317 0.66 16.47 11.51
N ILE A 318 -0.05 16.68 10.40
CA ILE A 318 0.52 17.45 9.30
C ILE A 318 0.75 18.89 9.73
N LYS A 319 -0.22 19.47 10.46
CA LYS A 319 -0.04 20.83 10.97
C LYS A 319 1.15 20.90 11.93
N THR A 320 1.30 19.89 12.78
CA THR A 320 2.43 19.87 13.71
C THR A 320 3.76 19.89 12.96
N VAL A 321 3.91 19.02 11.96
CA VAL A 321 5.19 18.88 11.27
C VAL A 321 5.45 20.07 10.34
N PHE A 322 4.43 20.53 9.62
CA PHE A 322 4.64 21.47 8.53
C PHE A 322 4.27 22.91 8.88
N GLY A 323 3.61 23.15 10.01
CA GLY A 323 3.32 24.50 10.46
C GLY A 323 2.74 25.40 9.39
N ASP A 324 3.37 26.54 9.14
CA ASP A 324 2.85 27.49 8.16
C ASP A 324 2.80 26.89 6.75
N HIS A 325 3.64 25.89 6.48
CA HIS A 325 3.64 25.23 5.18
C HIS A 325 2.50 24.23 5.02
N ALA A 326 1.83 23.86 6.11
CA ALA A 326 0.77 22.86 6.03
C ALA A 326 -0.33 23.28 5.07
N LYS A 327 -0.65 24.58 5.05
CA LYS A 327 -1.67 25.09 4.14
C LYS A 327 -1.17 25.19 2.70
N LYS A 328 0.15 25.23 2.50
CA LYS A 328 0.72 25.50 1.18
C LYS A 328 0.91 24.22 0.36
N LEU A 329 1.30 23.13 0.99
CA LEU A 329 1.44 21.89 0.25
C LEU A 329 0.05 21.34 -0.12
N ALA A 330 0.06 20.31 -0.95
CA ALA A 330 -1.16 19.63 -1.37
C ALA A 330 -1.19 18.23 -0.76
N ILE A 331 -2.40 17.78 -0.44
CA ILE A 331 -2.64 16.47 0.14
C ILE A 331 -3.72 15.80 -0.67
N SER A 332 -3.65 14.49 -0.82
CA SER A 332 -4.80 13.76 -1.31
C SER A 332 -4.78 12.34 -0.78
N SER A 333 -5.97 11.78 -0.60
CA SER A 333 -6.12 10.37 -0.27
C SER A 333 -6.65 9.66 -1.50
N THR A 334 -5.82 8.83 -2.11
CA THR A 334 -6.28 7.99 -3.20
C THR A 334 -7.07 6.79 -2.72
N LYS A 335 -7.15 6.56 -1.40
CA LYS A 335 -8.08 5.59 -0.87
C LYS A 335 -9.52 5.99 -1.17
N SER A 336 -9.76 7.28 -1.44
CA SER A 336 -11.08 7.71 -1.90
C SER A 336 -11.51 6.94 -3.14
N MET A 337 -10.56 6.42 -3.92
CA MET A 337 -10.83 5.67 -5.13
C MET A 337 -10.53 4.19 -5.01
N THR A 338 -9.43 3.82 -4.34
CA THR A 338 -9.05 2.42 -4.24
C THR A 338 -9.67 1.70 -3.05
N GLY A 339 -10.35 2.42 -2.17
CA GLY A 339 -10.67 1.89 -0.86
C GLY A 339 -9.39 1.69 -0.06
N HIS A 340 -9.56 1.14 1.13
CA HIS A 340 -8.44 0.87 2.01
C HIS A 340 -7.96 -0.56 1.77
N THR A 341 -6.84 -0.69 1.03
CA THR A 341 -6.31 -1.99 0.68
C THR A 341 -5.41 -2.57 1.77
N LEU A 342 -5.46 -2.00 2.98
CA LEU A 342 -4.82 -2.56 4.17
C LEU A 342 -3.33 -2.72 3.92
N GLY A 343 -2.76 -3.91 4.05
CA GLY A 343 -1.33 -4.08 3.95
C GLY A 343 -0.76 -3.73 2.59
N ALA A 344 -1.59 -3.75 1.55
CA ALA A 344 -1.12 -3.38 0.21
C ALA A 344 -1.06 -1.87 0.00
N SER A 345 -1.72 -1.10 0.86
CA SER A 345 -2.00 0.31 0.55
C SER A 345 -0.72 1.10 0.31
N GLY A 346 0.30 0.89 1.15
CA GLY A 346 1.52 1.67 1.00
C GLY A 346 2.26 1.42 -0.29
N GLY A 347 2.07 0.24 -0.89
CA GLY A 347 2.76 -0.07 -2.12
C GLY A 347 2.07 0.60 -3.30
N ILE A 348 0.75 0.47 -3.33
CA ILE A 348 -0.05 1.16 -4.34
C ILE A 348 0.18 2.65 -4.25
N GLU A 349 0.19 3.19 -3.04
CA GLU A 349 0.28 4.64 -2.85
C GLU A 349 1.69 5.17 -3.08
N ALA A 350 2.72 4.38 -2.78
CA ALA A 350 4.06 4.76 -3.17
C ALA A 350 4.13 4.92 -4.69
N ILE A 351 3.52 4.00 -5.42
CA ILE A 351 3.52 4.09 -6.88
C ILE A 351 2.80 5.34 -7.34
N PHE A 352 1.61 5.62 -6.79
CA PHE A 352 0.92 6.86 -7.15
C PHE A 352 1.77 8.08 -6.84
N ALA A 353 2.46 8.08 -5.70
CA ALA A 353 3.30 9.22 -5.36
C ALA A 353 4.43 9.40 -6.38
N LEU A 354 5.01 8.28 -6.82
CA LEU A 354 6.07 8.35 -7.83
C LEU A 354 5.56 8.91 -9.14
N LEU A 355 4.37 8.48 -9.56
CA LEU A 355 3.84 8.94 -10.84
C LEU A 355 3.30 10.36 -10.75
N THR A 356 2.99 10.84 -9.54
CA THR A 356 2.72 12.26 -9.34
C THR A 356 3.92 13.10 -9.72
N ILE A 357 5.12 12.67 -9.31
CA ILE A 357 6.35 13.34 -9.74
C ILE A 357 6.49 13.29 -11.25
N ARG A 358 6.30 12.11 -11.84
CA ARG A 358 6.54 11.97 -13.26
C ARG A 358 5.63 12.89 -14.06
N ASP A 359 4.34 12.90 -13.73
CA ASP A 359 3.35 13.59 -14.55
C ASP A 359 3.03 14.99 -14.07
N ASN A 360 3.54 15.39 -12.90
CA ASN A 360 3.20 16.69 -12.31
C ASN A 360 1.70 16.89 -12.28
N ILE A 361 0.97 15.84 -11.89
CA ILE A 361 -0.46 15.88 -11.71
C ILE A 361 -0.77 15.14 -10.41
N ILE A 362 -1.60 15.75 -9.56
CA ILE A 362 -2.00 15.16 -8.29
C ILE A 362 -3.39 14.58 -8.45
N ALA A 363 -3.54 13.30 -8.13
CA ALA A 363 -4.85 12.68 -8.18
C ALA A 363 -5.69 13.18 -7.00
N PRO A 364 -6.99 13.32 -7.19
CA PRO A 364 -7.83 13.98 -6.18
C PRO A 364 -8.29 13.05 -5.06
N THR A 365 -8.74 13.69 -3.97
CA THR A 365 -9.59 13.03 -2.98
C THR A 365 -11.01 13.19 -3.50
N ILE A 366 -11.58 12.11 -4.04
CA ILE A 366 -12.94 12.19 -4.54
C ILE A 366 -13.93 12.07 -3.38
N HIS A 367 -15.18 12.46 -3.65
CA HIS A 367 -16.28 12.41 -2.70
C HIS A 367 -16.17 13.44 -1.58
N LEU A 368 -15.28 14.43 -1.71
CA LEU A 368 -15.07 15.43 -0.66
C LEU A 368 -16.01 16.59 -0.93
N LYS A 369 -17.20 16.52 -0.32
CA LYS A 369 -18.28 17.46 -0.59
C LYS A 369 -18.59 18.39 0.57
N ASN A 370 -18.36 17.97 1.81
CA ASN A 370 -18.74 18.75 2.98
C ASN A 370 -17.48 19.07 3.78
N GLN A 371 -17.06 20.34 3.73
CA GLN A 371 -15.82 20.74 4.38
C GLN A 371 -15.94 20.58 5.89
N ASP A 372 -14.93 19.97 6.50
CA ASP A 372 -14.88 19.77 7.93
C ASP A 372 -14.14 20.93 8.58
N GLU A 373 -14.57 21.29 9.80
CA GLU A 373 -13.91 22.40 10.49
C GLU A 373 -12.51 22.02 10.95
N VAL A 374 -12.30 20.76 11.32
CA VAL A 374 -10.98 20.33 11.77
C VAL A 374 -10.08 20.01 10.58
N CYS A 375 -10.61 19.26 9.60
CA CYS A 375 -9.85 18.90 8.40
C CYS A 375 -10.01 20.02 7.38
N ASP A 376 -9.18 21.05 7.53
CA ASP A 376 -9.31 22.27 6.74
C ASP A 376 -8.08 22.55 5.89
N LEU A 377 -7.28 21.52 5.60
CA LEU A 377 -6.15 21.67 4.69
C LEU A 377 -6.64 21.51 3.25
N ASP A 378 -5.70 21.48 2.30
CA ASP A 378 -5.98 21.36 0.88
C ASP A 378 -5.84 19.90 0.49
N TYR A 379 -6.96 19.21 0.32
CA TYR A 379 -6.98 17.79 0.03
C TYR A 379 -7.24 17.49 -1.45
N VAL A 380 -7.03 18.48 -2.32
CA VAL A 380 -7.25 18.34 -3.77
C VAL A 380 -8.60 17.69 -4.01
N PRO A 381 -9.71 18.33 -3.60
CA PRO A 381 -11.02 17.68 -3.67
C PRO A 381 -11.45 17.44 -5.12
N ASN A 382 -11.85 16.20 -5.39
CA ASN A 382 -12.72 15.86 -6.51
C ASN A 382 -12.08 15.86 -7.89
N GLU A 383 -11.18 16.82 -8.16
CA GLU A 383 -10.59 16.98 -9.49
C GLU A 383 -9.08 16.98 -9.40
N ALA A 384 -8.44 16.25 -10.31
CA ALA A 384 -6.98 16.25 -10.39
C ALA A 384 -6.47 17.66 -10.62
N ARG A 385 -5.24 17.92 -10.17
CA ARG A 385 -4.64 19.24 -10.26
C ARG A 385 -3.24 19.13 -10.81
N GLU A 386 -2.92 19.98 -11.79
CA GLU A 386 -1.56 20.10 -12.29
C GLU A 386 -0.75 20.92 -11.30
N ALA A 387 0.44 20.43 -10.95
CA ALA A 387 1.30 21.12 -10.01
C ALA A 387 2.72 20.61 -10.17
N ASN A 388 3.69 21.50 -9.98
CA ASN A 388 5.09 21.10 -10.00
C ASN A 388 5.41 20.35 -8.71
N VAL A 389 5.61 19.04 -8.82
CA VAL A 389 5.83 18.18 -7.67
C VAL A 389 7.22 17.57 -7.79
N ASN A 390 8.08 17.89 -6.83
CA ASN A 390 9.44 17.37 -6.79
C ASN A 390 9.72 16.51 -5.57
N VAL A 391 9.04 16.74 -4.45
CA VAL A 391 9.21 15.96 -3.23
C VAL A 391 7.84 15.52 -2.76
N VAL A 392 7.68 14.22 -2.51
CA VAL A 392 6.42 13.64 -2.06
C VAL A 392 6.66 12.78 -0.84
N ILE A 393 5.65 12.68 0.01
CA ILE A 393 5.66 11.70 1.09
C ILE A 393 4.41 10.85 1.00
N SER A 394 4.52 9.62 1.48
CA SER A 394 3.40 8.70 1.54
C SER A 394 3.29 8.18 2.96
N ASN A 395 2.10 8.30 3.55
CA ASN A 395 1.86 7.99 4.96
C ASN A 395 1.04 6.72 5.10
N SER A 396 1.40 5.91 6.10
CA SER A 396 0.56 4.80 6.54
C SER A 396 0.59 4.77 8.06
N PHE A 397 -0.54 5.06 8.68
CA PHE A 397 -0.65 5.10 10.13
C PHE A 397 -1.60 3.97 10.52
N GLY A 398 -1.05 2.77 10.64
CA GLY A 398 -1.86 1.57 10.68
C GLY A 398 -2.32 1.15 12.08
N PHE A 399 -3.39 0.37 12.09
CA PHE A 399 -3.90 -0.20 13.33
C PHE A 399 -2.77 -0.92 14.07
N GLY A 400 -2.79 -0.80 15.39
CA GLY A 400 -1.73 -1.32 16.22
C GLY A 400 -0.64 -0.34 16.55
N GLY A 401 -0.81 0.93 16.19
CA GLY A 401 0.17 1.95 16.47
C GLY A 401 1.38 1.96 15.56
N HIS A 402 1.27 1.40 14.35
CA HIS A 402 2.39 1.30 13.41
C HIS A 402 2.36 2.50 12.48
N ASN A 403 3.23 3.47 12.70
CA ASN A 403 3.30 4.66 11.86
C ASN A 403 4.50 4.56 10.94
N ALA A 404 4.29 4.82 9.64
CA ALA A 404 5.37 4.76 8.68
C ALA A 404 5.15 5.81 7.57
N THR A 405 6.26 6.44 7.16
CA THR A 405 6.24 7.45 6.11
C THR A 405 7.46 7.24 5.22
N LEU A 406 7.25 7.39 3.91
CA LEU A 406 8.33 7.35 2.93
C LEU A 406 8.40 8.67 2.20
N VAL A 407 9.62 9.09 1.84
CA VAL A 407 9.86 10.31 1.08
C VAL A 407 10.52 9.93 -0.23
N PHE A 408 9.97 10.45 -1.34
CA PHE A 408 10.53 10.28 -2.67
C PHE A 408 10.83 11.65 -3.26
N LYS A 409 11.89 11.74 -4.06
CA LYS A 409 12.32 13.01 -4.62
C LYS A 409 12.75 12.83 -6.07
N ARG A 410 12.38 13.80 -6.90
CA ARG A 410 12.76 13.79 -8.30
C ARG A 410 14.26 13.66 -8.46
N ILE A 411 14.66 12.94 -9.50
CA ILE A 411 16.08 12.79 -9.84
C ILE A 411 16.25 12.79 -11.36
#